data_6NR1
#
_entry.id   6NR1
#
_cell.length_a   59.655
_cell.length_b   103.409
_cell.length_c   107.925
_cell.angle_alpha   90.00
_cell.angle_beta   90.00
_cell.angle_gamma   90.00
#
_symmetry.space_group_name_H-M   'P 21 21 21'
#
loop_
_entity.id
_entity.type
_entity.pdbx_description
1 polymer 'Fatty Acid Kinase (Fak) B2 protein (SPR1019)'
2 non-polymer 'VACCENIC ACID'
3 non-polymer GLYCEROL
4 water water
#
_entity_poly.entity_id   1
_entity_poly.type   'polypeptide(L)'
_entity_poly.pdbx_seq_one_letter_code
;MGSSHHHHHHSSGLVPRGSHMASMTGGQQMGRDPMTKIKIVTDSSVTIEPELVKQLDITIVPLSVMIDNVVYSDADLKEE
GKFLQLMQESKNLPKTSQPPVGVFAEIFEDLCKDGGQILAIHMSHALSGTVEAARQGASLSTADVIVVDSSFTDQALKFQ
VVEAAKLAQEGKDMEAILSHVEEVKNHTELYIGVSTLENLVKGGRIGRVTGLLSSLLNIRVVMQMKDHELQPMVKGRGTK
TFKKWLDELITSLSERAVAEIGISYSGSDDWAKEMKESLQAYVEKPISVLETGSIIQTHTGENAWAILIRYHS
;
_entity_poly.pdbx_strand_id   A,B
#
# COMPACT_ATOMS: atom_id res chain seq x y z
N MET A 35 4.53 -0.89 28.78
CA MET A 35 5.36 -1.92 28.15
C MET A 35 5.55 -1.65 26.67
N THR A 36 6.43 -2.43 26.04
CA THR A 36 6.76 -2.23 24.64
C THR A 36 5.88 -3.10 23.75
N LYS A 37 5.41 -2.51 22.66
CA LYS A 37 4.57 -3.26 21.74
C LYS A 37 5.33 -4.47 21.17
N ILE A 38 4.56 -5.51 20.87
CA ILE A 38 5.14 -6.70 20.25
C ILE A 38 5.62 -6.32 18.85
N LYS A 39 6.77 -6.88 18.46
CA LYS A 39 7.35 -6.64 17.14
C LYS A 39 7.16 -7.88 16.28
N ILE A 40 6.73 -7.67 15.03
CA ILE A 40 6.45 -8.74 14.08
C ILE A 40 7.64 -8.90 13.14
N VAL A 41 8.06 -10.16 12.96
CA VAL A 41 9.10 -10.59 12.04
C VAL A 41 8.50 -11.63 11.08
N THR A 42 8.94 -11.58 9.83
CA THR A 42 8.60 -12.62 8.86
C THR A 42 9.80 -12.76 7.93
N ASP A 43 9.62 -13.52 6.83
CA ASP A 43 10.70 -13.76 5.90
C ASP A 43 10.32 -13.22 4.52
N SER A 44 11.32 -13.14 3.63
CA SER A 44 11.14 -12.46 2.34
C SER A 44 10.38 -13.30 1.30
N SER A 45 9.86 -14.48 1.67
CA SER A 45 8.91 -15.17 0.80
C SER A 45 7.52 -14.56 0.90
N VAL A 46 7.27 -13.73 1.92
CA VAL A 46 6.04 -12.96 2.00
C VAL A 46 5.95 -12.06 0.77
N THR A 47 4.75 -11.97 0.22
CA THR A 47 4.45 -11.06 -0.88
C THR A 47 3.49 -9.99 -0.35
N ILE A 48 3.95 -8.75 -0.34
CA ILE A 48 3.26 -7.68 0.36
C ILE A 48 3.63 -6.36 -0.28
N GLU A 49 2.69 -5.40 -0.26
CA GLU A 49 2.99 -4.04 -0.68
C GLU A 49 4.07 -3.44 0.23
N PRO A 50 5.16 -2.92 -0.33
CA PRO A 50 6.24 -2.42 0.52
C PRO A 50 5.79 -1.35 1.49
N GLU A 51 4.80 -0.52 1.12
CA GLU A 51 4.40 0.57 2.00
C GLU A 51 3.78 0.03 3.29
N LEU A 52 3.11 -1.13 3.19
CA LEU A 52 2.48 -1.72 4.37
C LEU A 52 3.54 -2.24 5.35
N VAL A 53 4.71 -2.64 4.84
CA VAL A 53 5.80 -3.05 5.72
C VAL A 53 6.20 -1.90 6.65
N LYS A 54 6.37 -0.70 6.09
N LYS A 54 6.40 -0.71 6.09
CA LYS A 54 6.77 0.45 6.89
CA LYS A 54 6.76 0.45 6.89
C LYS A 54 5.65 0.89 7.82
C LYS A 54 5.64 0.85 7.84
N GLN A 55 4.43 0.99 7.30
CA GLN A 55 3.29 1.44 8.10
C GLN A 55 3.03 0.55 9.30
N LEU A 56 3.29 -0.77 9.18
CA LEU A 56 3.02 -1.72 10.25
C LEU A 56 4.27 -2.13 11.03
N ASP A 57 5.43 -1.55 10.71
N ASP A 57 5.43 -1.55 10.71
CA ASP A 57 6.67 -1.83 11.44
CA ASP A 57 6.66 -1.83 11.44
C ASP A 57 7.04 -3.31 11.39
C ASP A 57 7.02 -3.31 11.40
N ILE A 58 6.86 -3.92 10.22
CA ILE A 58 7.19 -5.33 10.00
C ILE A 58 8.67 -5.43 9.61
N THR A 59 9.38 -6.34 10.29
CA THR A 59 10.76 -6.68 9.95
C THR A 59 10.76 -7.91 9.05
N ILE A 60 11.39 -7.78 7.88
CA ILE A 60 11.45 -8.89 6.92
C ILE A 60 12.89 -9.41 6.88
N VAL A 61 13.07 -10.64 7.33
CA VAL A 61 14.35 -11.33 7.25
C VAL A 61 14.55 -11.84 5.82
N PRO A 62 15.58 -11.38 5.10
CA PRO A 62 15.73 -11.77 3.69
C PRO A 62 16.32 -13.16 3.53
N LEU A 63 15.71 -13.96 2.66
CA LEU A 63 16.41 -15.09 2.07
C LEU A 63 17.43 -14.59 1.05
N SER A 64 18.15 -15.54 0.45
CA SER A 64 19.09 -15.22 -0.62
C SER A 64 18.90 -16.20 -1.78
N VAL A 65 19.41 -15.79 -2.94
CA VAL A 65 19.32 -16.56 -4.18
C VAL A 65 20.64 -16.48 -4.91
N MET A 66 21.13 -17.63 -5.35
N MET A 66 21.14 -17.62 -5.35
CA MET A 66 22.37 -17.71 -6.12
CA MET A 66 22.40 -17.65 -6.10
C MET A 66 22.05 -17.73 -7.61
C MET A 66 22.10 -17.74 -7.60
N ILE A 67 22.58 -16.76 -8.35
CA ILE A 67 22.41 -16.68 -9.80
C ILE A 67 23.80 -16.73 -10.43
N ASP A 68 24.04 -17.75 -11.24
CA ASP A 68 25.35 -17.98 -11.88
C ASP A 68 26.48 -17.73 -10.88
N ASN A 69 26.34 -18.39 -9.72
CA ASN A 69 27.34 -18.46 -8.67
C ASN A 69 27.57 -17.15 -7.93
N VAL A 70 26.69 -16.17 -8.11
CA VAL A 70 26.77 -14.89 -7.40
C VAL A 70 25.56 -14.82 -6.47
N VAL A 71 25.80 -14.58 -5.18
CA VAL A 71 24.75 -14.60 -4.17
C VAL A 71 24.13 -13.21 -4.06
N TYR A 72 22.83 -13.13 -4.30
CA TYR A 72 22.04 -11.91 -4.11
C TYR A 72 21.17 -12.04 -2.87
N SER A 73 21.09 -10.96 -2.09
CA SER A 73 20.04 -10.86 -1.08
C SER A 73 18.68 -10.68 -1.76
N ASP A 74 17.67 -11.39 -1.27
CA ASP A 74 16.34 -11.20 -1.82
C ASP A 74 15.87 -9.76 -1.65
N ALA A 75 16.37 -9.06 -0.63
CA ALA A 75 16.03 -7.65 -0.42
C ALA A 75 16.44 -6.77 -1.59
N ASP A 76 17.40 -7.21 -2.41
CA ASP A 76 17.80 -6.41 -3.56
C ASP A 76 17.13 -6.90 -4.85
N LEU A 77 16.13 -7.79 -4.74
CA LEU A 77 15.47 -8.41 -5.88
C LEU A 77 13.98 -8.11 -5.91
N LYS A 78 13.60 -6.97 -5.35
CA LYS A 78 12.19 -6.62 -5.21
C LYS A 78 11.67 -5.74 -6.33
N GLU A 79 12.54 -5.10 -7.11
CA GLU A 79 12.11 -4.27 -8.23
C GLU A 79 11.32 -5.11 -9.25
N GLU A 80 10.14 -4.62 -9.64
CA GLU A 80 9.27 -5.37 -10.53
C GLU A 80 10.02 -5.85 -11.77
N GLY A 81 9.90 -7.15 -12.05
CA GLY A 81 10.49 -7.76 -13.23
C GLY A 81 11.99 -7.96 -13.22
N LYS A 82 12.70 -7.48 -12.19
CA LYS A 82 14.16 -7.58 -12.21
C LYS A 82 14.64 -9.03 -12.15
N PHE A 83 14.17 -9.80 -11.16
CA PHE A 83 14.63 -11.18 -11.05
C PHE A 83 14.14 -12.02 -12.23
N LEU A 84 12.91 -11.77 -12.69
CA LEU A 84 12.38 -12.47 -13.84
C LEU A 84 13.36 -12.40 -15.01
N GLN A 85 13.88 -11.21 -15.27
CA GLN A 85 14.84 -11.04 -16.35
C GLN A 85 16.14 -11.78 -16.06
N LEU A 86 16.65 -11.68 -14.81
CA LEU A 86 17.85 -12.43 -14.45
C LEU A 86 17.66 -13.93 -14.68
N MET A 87 16.54 -14.50 -14.18
CA MET A 87 16.32 -15.93 -14.35
C MET A 87 16.11 -16.34 -15.82
N GLN A 88 15.55 -15.47 -16.64
CA GLN A 88 15.37 -15.77 -18.06
C GLN A 88 16.70 -15.89 -18.79
N GLU A 89 17.75 -15.22 -18.29
CA GLU A 89 19.02 -15.13 -18.99
C GLU A 89 20.17 -15.87 -18.30
N SER A 90 19.98 -16.35 -17.07
CA SER A 90 21.09 -16.96 -16.35
C SER A 90 21.46 -18.32 -16.96
N LYS A 91 22.76 -18.64 -16.92
CA LYS A 91 23.23 -19.92 -17.48
C LYS A 91 22.66 -21.09 -16.70
N ASN A 92 22.48 -20.91 -15.39
CA ASN A 92 21.98 -21.92 -14.48
C ASN A 92 20.63 -21.51 -13.93
N LEU A 93 19.80 -22.51 -13.62
CA LEU A 93 18.67 -22.25 -12.76
C LEU A 93 19.17 -21.67 -11.44
N PRO A 94 18.55 -20.61 -10.94
CA PRO A 94 18.92 -20.08 -9.63
C PRO A 94 18.63 -21.10 -8.51
N LYS A 95 19.30 -20.87 -7.38
CA LYS A 95 19.17 -21.69 -6.18
C LYS A 95 18.90 -20.78 -4.97
N THR A 96 17.81 -21.08 -4.24
CA THR A 96 17.41 -20.30 -3.08
C THR A 96 18.04 -20.86 -1.81
N SER A 97 18.20 -19.99 -0.82
CA SER A 97 18.75 -20.36 0.49
C SER A 97 17.98 -19.66 1.61
N GLN A 98 17.69 -20.43 2.66
CA GLN A 98 17.12 -19.87 3.87
C GLN A 98 18.09 -18.89 4.54
N PRO A 99 17.58 -17.99 5.38
CA PRO A 99 18.47 -17.15 6.18
C PRO A 99 19.18 -17.99 7.24
N PRO A 100 20.43 -17.65 7.54
CA PRO A 100 21.16 -18.35 8.61
C PRO A 100 20.51 -18.19 9.98
N VAL A 101 20.61 -19.24 10.81
CA VAL A 101 20.32 -19.18 12.25
C VAL A 101 20.86 -17.90 12.85
N GLY A 102 22.15 -17.63 12.59
CA GLY A 102 22.82 -16.53 13.25
C GLY A 102 22.25 -15.18 12.87
N VAL A 103 21.72 -15.07 11.65
CA VAL A 103 21.08 -13.82 11.26
C VAL A 103 19.80 -13.58 12.07
N PHE A 104 18.98 -14.63 12.27
CA PHE A 104 17.78 -14.47 13.11
C PHE A 104 18.16 -14.09 14.55
N ALA A 105 19.14 -14.79 15.13
CA ALA A 105 19.63 -14.50 16.48
C ALA A 105 19.98 -13.02 16.63
N GLU A 106 20.69 -12.47 15.65
CA GLU A 106 21.15 -11.09 15.76
C GLU A 106 20.00 -10.10 15.60
N ILE A 107 19.07 -10.39 14.68
CA ILE A 107 17.91 -9.50 14.50
C ILE A 107 17.02 -9.54 15.73
N PHE A 108 16.79 -10.74 16.27
CA PHE A 108 16.01 -10.87 17.50
C PHE A 108 16.66 -10.08 18.64
N GLU A 109 17.99 -10.18 18.76
CA GLU A 109 18.72 -9.51 19.83
C GLU A 109 18.61 -8.00 19.71
N ASP A 110 18.70 -7.48 18.49
CA ASP A 110 18.54 -6.03 18.27
C ASP A 110 17.11 -5.58 18.55
N LEU A 111 16.13 -6.36 18.09
CA LEU A 111 14.72 -5.94 18.16
C LEU A 111 14.23 -5.86 19.60
N CYS A 112 14.78 -6.68 20.49
CA CYS A 112 14.36 -6.77 21.88
C CYS A 112 15.00 -5.72 22.76
N LYS A 113 15.89 -4.89 22.23
CA LYS A 113 16.54 -3.84 23.00
C LYS A 113 15.54 -2.87 23.62
N ASP A 114 14.33 -2.77 23.06
CA ASP A 114 13.26 -1.98 23.66
C ASP A 114 12.50 -2.73 24.76
N GLY A 115 12.91 -3.96 25.08
CA GLY A 115 12.26 -4.76 26.11
C GLY A 115 11.02 -5.50 25.68
N GLY A 116 10.61 -5.42 24.40
CA GLY A 116 9.37 -6.06 24.00
C GLY A 116 9.56 -7.49 23.48
N GLN A 117 8.44 -8.21 23.36
CA GLN A 117 8.49 -9.54 22.80
C GLN A 117 8.47 -9.49 21.27
N ILE A 118 8.80 -10.62 20.66
CA ILE A 118 8.85 -10.75 19.22
C ILE A 118 8.01 -11.94 18.80
N LEU A 119 7.22 -11.73 17.75
CA LEU A 119 6.41 -12.78 17.13
C LEU A 119 6.89 -12.91 15.70
N ALA A 120 7.51 -14.05 15.39
CA ALA A 120 8.03 -14.31 14.06
C ALA A 120 7.12 -15.32 13.38
N ILE A 121 6.54 -14.91 12.24
CA ILE A 121 5.60 -15.74 11.46
C ILE A 121 6.28 -16.05 10.12
N HIS A 122 6.41 -17.35 9.79
CA HIS A 122 7.19 -17.79 8.64
C HIS A 122 6.48 -18.76 7.69
N MET A 123 7.10 -18.89 6.53
CA MET A 123 6.63 -19.83 5.52
C MET A 123 6.70 -21.25 6.04
N SER A 124 5.84 -22.10 5.47
CA SER A 124 5.74 -23.51 5.84
C SER A 124 7.11 -24.18 5.91
N HIS A 125 7.29 -24.99 6.96
CA HIS A 125 8.45 -25.88 7.06
C HIS A 125 8.51 -26.89 5.91
N ALA A 126 7.40 -27.15 5.24
CA ALA A 126 7.47 -28.14 4.16
C ALA A 126 8.17 -27.56 2.94
N LEU A 127 8.17 -26.22 2.80
CA LEU A 127 8.84 -25.55 1.68
C LEU A 127 10.26 -25.15 2.00
N SER A 128 10.57 -24.88 3.27
CA SER A 128 11.81 -24.23 3.65
C SER A 128 12.11 -24.48 5.12
N GLY A 129 13.40 -24.58 5.42
CA GLY A 129 13.95 -24.62 6.77
C GLY A 129 13.95 -23.29 7.49
N THR A 130 13.47 -22.23 6.81
CA THR A 130 13.49 -20.89 7.37
C THR A 130 12.86 -20.84 8.77
N VAL A 131 11.68 -21.44 8.94
CA VAL A 131 10.99 -21.34 10.22
C VAL A 131 11.78 -22.04 11.31
N GLU A 132 12.50 -23.11 10.95
CA GLU A 132 13.34 -23.83 11.91
C GLU A 132 14.59 -23.02 12.29
N ALA A 133 15.24 -22.38 11.31
CA ALA A 133 16.32 -21.44 11.60
C ALA A 133 15.84 -20.34 12.55
N ALA A 134 14.57 -19.93 12.44
CA ALA A 134 14.04 -18.91 13.34
C ALA A 134 13.87 -19.45 14.76
N ARG A 135 13.38 -20.69 14.88
CA ARG A 135 13.31 -21.33 16.19
C ARG A 135 14.69 -21.41 16.84
N GLN A 136 15.70 -21.82 16.06
CA GLN A 136 17.04 -21.91 16.61
C GLN A 136 17.59 -20.53 16.97
N GLY A 137 17.40 -19.54 16.09
CA GLY A 137 17.83 -18.19 16.42
C GLY A 137 17.15 -17.66 17.68
N ALA A 138 15.86 -17.98 17.84
CA ALA A 138 15.15 -17.60 19.06
C ALA A 138 15.80 -18.23 20.30
N SER A 139 16.15 -19.52 20.23
CA SER A 139 16.76 -20.17 21.39
C SER A 139 18.13 -19.59 21.69
N LEU A 140 18.86 -19.09 20.68
CA LEU A 140 20.18 -18.53 20.90
C LEU A 140 20.15 -17.10 21.41
N SER A 141 19.02 -16.43 21.27
CA SER A 141 18.89 -15.01 21.60
C SER A 141 18.47 -14.86 23.05
N THR A 142 18.82 -13.72 23.65
CA THR A 142 18.26 -13.37 24.95
C THR A 142 16.84 -12.87 24.86
N ALA A 143 16.31 -12.73 23.64
CA ALA A 143 15.01 -12.16 23.41
C ALA A 143 13.89 -13.16 23.73
N ASP A 144 12.71 -12.62 24.03
CA ASP A 144 11.49 -13.38 24.22
C ASP A 144 10.80 -13.49 22.85
N VAL A 145 10.97 -14.64 22.19
CA VAL A 145 10.61 -14.82 20.77
C VAL A 145 9.64 -15.98 20.63
N ILE A 146 8.45 -15.70 20.09
CA ILE A 146 7.54 -16.74 19.66
C ILE A 146 7.68 -16.90 18.16
N VAL A 147 7.75 -18.16 17.70
CA VAL A 147 7.92 -18.52 16.29
C VAL A 147 6.75 -19.36 15.84
N VAL A 148 6.12 -18.95 14.74
CA VAL A 148 4.91 -19.57 14.22
C VAL A 148 5.12 -19.93 12.75
N ASP A 149 4.75 -21.18 12.41
CA ASP A 149 4.68 -21.66 11.02
C ASP A 149 3.31 -21.31 10.46
N SER A 150 3.28 -20.40 9.48
CA SER A 150 2.05 -19.94 8.86
C SER A 150 1.33 -21.03 8.09
N SER A 151 2.03 -22.10 7.72
CA SER A 151 1.61 -23.21 6.81
C SER A 151 1.51 -22.77 5.33
N PHE A 152 1.85 -21.53 5.00
CA PHE A 152 1.80 -21.05 3.63
C PHE A 152 3.07 -20.27 3.25
N THR A 153 2.88 -19.28 2.38
CA THR A 153 3.92 -18.37 1.91
C THR A 153 3.19 -17.28 1.11
N ASP A 154 3.94 -16.36 0.49
CA ASP A 154 3.37 -15.39 -0.47
C ASP A 154 2.29 -14.55 0.25
N GLN A 155 1.14 -14.31 -0.38
CA GLN A 155 0.13 -13.43 0.21
C GLN A 155 -0.71 -14.13 1.29
N ALA A 156 -0.75 -15.47 1.32
CA ALA A 156 -1.39 -16.17 2.42
C ALA A 156 -0.59 -15.96 3.72
N LEU A 157 0.74 -15.93 3.61
CA LEU A 157 1.57 -15.54 4.75
C LEU A 157 1.34 -14.08 5.11
N LYS A 158 1.21 -13.21 4.08
CA LYS A 158 0.90 -11.81 4.29
C LYS A 158 -0.35 -11.61 5.19
N PHE A 159 -1.42 -12.38 4.94
CA PHE A 159 -2.63 -12.25 5.76
C PHE A 159 -2.28 -12.33 7.25
N GLN A 160 -1.53 -13.37 7.64
CA GLN A 160 -1.23 -13.57 9.05
C GLN A 160 -0.31 -12.47 9.58
N VAL A 161 0.71 -12.10 8.82
CA VAL A 161 1.68 -11.10 9.26
C VAL A 161 1.01 -9.74 9.43
N VAL A 162 0.15 -9.36 8.48
CA VAL A 162 -0.53 -8.07 8.54
C VAL A 162 -1.48 -8.02 9.73
N GLU A 163 -2.32 -9.07 9.89
CA GLU A 163 -3.21 -9.13 11.03
C GLU A 163 -2.44 -9.06 12.35
N ALA A 164 -1.33 -9.81 12.45
CA ALA A 164 -0.53 -9.79 13.67
C ALA A 164 -0.02 -8.39 13.97
N ALA A 165 0.43 -7.69 12.93
CA ALA A 165 1.10 -6.40 13.14
C ALA A 165 0.11 -5.31 13.45
N LYS A 166 -1.10 -5.40 12.85
CA LYS A 166 -2.18 -4.50 13.20
C LYS A 166 -2.54 -4.61 14.68
N LEU A 167 -2.75 -5.85 15.16
CA LEU A 167 -3.04 -6.07 16.56
C LEU A 167 -1.87 -5.65 17.45
N ALA A 168 -0.63 -5.98 17.03
CA ALA A 168 0.54 -5.52 17.77
C ALA A 168 0.52 -4.02 17.95
N GLN A 169 0.21 -3.30 16.87
CA GLN A 169 0.16 -1.84 16.89
C GLN A 169 -0.90 -1.35 17.87
N GLU A 170 -1.98 -2.11 18.05
CA GLU A 170 -3.05 -1.75 18.98
C GLU A 170 -2.72 -2.07 20.42
N GLY A 171 -1.57 -2.71 20.70
CA GLY A 171 -1.19 -3.05 22.06
C GLY A 171 -1.72 -4.37 22.58
N LYS A 172 -2.18 -5.27 21.70
CA LYS A 172 -2.68 -6.55 22.17
C LYS A 172 -1.53 -7.40 22.70
N ASP A 173 -1.85 -8.32 23.60
CA ASP A 173 -0.84 -9.21 24.16
C ASP A 173 -0.64 -10.43 23.28
N MET A 174 0.40 -11.21 23.60
CA MET A 174 0.85 -12.26 22.71
C MET A 174 -0.23 -13.32 22.49
N GLU A 175 -0.95 -13.72 23.55
CA GLU A 175 -1.99 -14.74 23.40
C GLU A 175 -3.10 -14.26 22.47
N ALA A 176 -3.51 -12.99 22.62
CA ALA A 176 -4.56 -12.47 21.75
C ALA A 176 -4.11 -12.44 20.29
N ILE A 177 -2.85 -12.05 20.03
CA ILE A 177 -2.36 -12.01 18.64
C ILE A 177 -2.27 -13.42 18.05
N LEU A 178 -1.65 -14.35 18.79
CA LEU A 178 -1.49 -15.72 18.31
C LEU A 178 -2.83 -16.32 17.91
N SER A 179 -3.86 -16.12 18.73
CA SER A 179 -5.17 -16.74 18.48
C SER A 179 -5.85 -16.13 17.25
N HIS A 180 -5.69 -14.81 17.05
CA HIS A 180 -6.27 -14.16 15.86
C HIS A 180 -5.52 -14.56 14.59
N VAL A 181 -4.18 -14.67 14.69
CA VAL A 181 -3.40 -15.14 13.55
C VAL A 181 -3.85 -16.55 13.17
N GLU A 182 -4.01 -17.43 14.16
CA GLU A 182 -4.48 -18.79 13.90
C GLU A 182 -5.84 -18.79 13.21
N GLU A 183 -6.76 -17.95 13.71
CA GLU A 183 -8.05 -17.78 13.04
C GLU A 183 -7.88 -17.42 11.57
N VAL A 184 -6.98 -16.47 11.28
CA VAL A 184 -6.71 -16.10 9.88
C VAL A 184 -6.19 -17.32 9.11
N LYS A 185 -5.16 -17.99 9.64
CA LYS A 185 -4.61 -19.16 8.96
C LYS A 185 -5.71 -20.18 8.64
N ASN A 186 -6.57 -20.47 9.62
CA ASN A 186 -7.57 -21.51 9.48
C ASN A 186 -8.74 -21.10 8.60
N HIS A 187 -8.82 -19.83 8.18
CA HIS A 187 -9.81 -19.39 7.20
C HIS A 187 -9.17 -19.01 5.87
N THR A 188 -7.94 -19.46 5.66
CA THR A 188 -7.17 -19.13 4.46
C THR A 188 -7.07 -20.36 3.56
N GLU A 189 -7.17 -20.14 2.25
CA GLU A 189 -6.84 -21.15 1.26
C GLU A 189 -5.85 -20.57 0.26
N LEU A 190 -4.95 -21.44 -0.24
CA LEU A 190 -3.94 -21.11 -1.23
C LEU A 190 -4.09 -22.06 -2.40
N TYR A 191 -4.29 -21.49 -3.59
CA TYR A 191 -4.34 -22.21 -4.85
C TYR A 191 -3.22 -21.67 -5.74
N ILE A 192 -2.47 -22.58 -6.37
CA ILE A 192 -1.36 -22.20 -7.23
C ILE A 192 -1.42 -22.97 -8.54
N GLY A 193 -1.13 -22.26 -9.63
CA GLY A 193 -0.98 -22.86 -10.94
C GLY A 193 0.42 -22.62 -11.45
N VAL A 194 0.98 -23.65 -12.07
CA VAL A 194 2.29 -23.57 -12.73
C VAL A 194 2.11 -24.03 -14.17
N SER A 195 2.93 -23.49 -15.07
CA SER A 195 2.91 -23.85 -16.49
C SER A 195 3.99 -24.84 -16.86
N THR A 196 4.94 -25.10 -15.96
CA THR A 196 5.91 -26.16 -16.11
C THR A 196 6.18 -26.74 -14.73
N LEU A 197 6.61 -28.00 -14.72
CA LEU A 197 7.04 -28.68 -13.51
C LEU A 197 8.55 -28.63 -13.30
N GLU A 198 9.31 -28.11 -14.26
CA GLU A 198 10.75 -28.31 -14.21
C GLU A 198 11.37 -27.59 -13.00
N ASN A 199 10.94 -26.35 -12.71
CA ASN A 199 11.48 -25.64 -11.54
C ASN A 199 11.14 -26.38 -10.24
N LEU A 200 9.91 -26.91 -10.15
CA LEU A 200 9.53 -27.65 -8.94
C LEU A 200 10.38 -28.91 -8.78
N VAL A 201 10.67 -29.59 -9.89
CA VAL A 201 11.47 -30.81 -9.84
C VAL A 201 12.91 -30.47 -9.44
N LYS A 202 13.54 -29.54 -10.16
CA LYS A 202 14.94 -29.20 -9.92
C LYS A 202 15.15 -28.62 -8.52
N GLY A 203 14.24 -27.76 -8.07
CA GLY A 203 14.32 -27.17 -6.72
C GLY A 203 14.00 -28.12 -5.58
N GLY A 204 13.37 -29.27 -5.88
CA GLY A 204 13.06 -30.29 -4.89
C GLY A 204 11.64 -30.28 -4.30
N ARG A 205 10.92 -29.15 -4.39
CA ARG A 205 9.62 -29.09 -3.72
C ARG A 205 8.54 -29.92 -4.41
N ILE A 206 8.89 -30.63 -5.48
CA ILE A 206 8.02 -31.64 -6.07
C ILE A 206 7.78 -32.75 -5.06
N GLY A 207 8.71 -32.95 -4.13
CA GLY A 207 8.52 -33.94 -3.09
C GLY A 207 7.33 -33.64 -2.19
N ARG A 208 6.86 -32.39 -2.20
CA ARG A 208 5.72 -31.99 -1.39
C ARG A 208 4.40 -32.08 -2.13
N VAL A 209 4.44 -32.46 -3.40
CA VAL A 209 3.24 -32.65 -4.20
C VAL A 209 2.80 -34.09 -4.04
N THR A 210 1.59 -34.28 -3.51
CA THR A 210 1.06 -35.59 -3.17
C THR A 210 0.25 -36.15 -4.34
N GLY A 211 0.71 -37.26 -4.90
CA GLY A 211 -0.08 -38.00 -5.87
C GLY A 211 -0.11 -37.42 -7.27
N LEU A 212 0.95 -36.72 -7.69
CA LEU A 212 1.04 -36.20 -9.05
C LEU A 212 1.80 -37.21 -9.90
N LEU A 213 1.19 -37.61 -11.02
CA LEU A 213 1.82 -38.47 -12.01
C LEU A 213 1.71 -37.77 -13.36
N SER A 214 2.85 -37.33 -13.88
CA SER A 214 2.93 -36.77 -15.22
C SER A 214 4.19 -37.30 -15.88
N SER A 215 4.02 -37.82 -17.10
CA SER A 215 5.13 -38.13 -17.99
C SER A 215 5.65 -36.89 -18.71
N LEU A 216 5.06 -35.73 -18.46
CA LEU A 216 5.49 -34.48 -19.05
C LEU A 216 5.84 -33.48 -17.95
N LEU A 217 6.93 -32.73 -18.18
CA LEU A 217 7.22 -31.56 -17.36
C LEU A 217 6.48 -30.32 -17.85
N ASN A 218 6.36 -30.16 -19.17
CA ASN A 218 5.73 -28.96 -19.73
C ASN A 218 4.23 -29.21 -19.87
N ILE A 219 3.51 -28.78 -18.84
CA ILE A 219 2.09 -29.03 -18.68
C ILE A 219 1.59 -28.13 -17.56
N ARG A 220 0.33 -27.76 -17.61
CA ARG A 220 -0.26 -26.84 -16.65
C ARG A 220 -0.85 -27.64 -15.50
N VAL A 221 -0.56 -27.20 -14.27
CA VAL A 221 -1.04 -27.90 -13.08
C VAL A 221 -1.54 -26.87 -12.08
N VAL A 222 -2.71 -27.13 -11.51
CA VAL A 222 -3.26 -26.34 -10.41
C VAL A 222 -3.27 -27.22 -9.17
N MET A 223 -2.69 -26.67 -8.09
CA MET A 223 -2.59 -27.34 -6.80
C MET A 223 -3.19 -26.47 -5.72
N GLN A 224 -3.64 -27.14 -4.66
CA GLN A 224 -4.00 -26.51 -3.41
C GLN A 224 -2.97 -26.89 -2.34
N MET A 225 -2.39 -25.88 -1.70
CA MET A 225 -1.55 -26.09 -0.54
C MET A 225 -2.44 -26.19 0.69
N LYS A 226 -2.54 -27.39 1.24
CA LYS A 226 -3.39 -27.70 2.39
C LYS A 226 -2.59 -28.54 3.37
N ASP A 227 -2.51 -28.09 4.62
CA ASP A 227 -1.75 -28.78 5.67
C ASP A 227 -0.33 -29.12 5.22
N HIS A 228 0.34 -28.14 4.60
CA HIS A 228 1.74 -28.21 4.23
C HIS A 228 2.01 -29.11 3.03
N GLU A 229 0.96 -29.50 2.28
CA GLU A 229 1.11 -30.36 1.10
C GLU A 229 0.51 -29.67 -0.13
N LEU A 230 1.15 -29.87 -1.28
CA LEU A 230 0.62 -29.40 -2.56
C LEU A 230 -0.22 -30.54 -3.16
N GLN A 231 -1.53 -30.34 -3.20
CA GLN A 231 -2.47 -31.33 -3.67
C GLN A 231 -2.95 -30.98 -5.07
N PRO A 232 -2.64 -31.79 -6.07
CA PRO A 232 -3.09 -31.49 -7.44
C PRO A 232 -4.61 -31.53 -7.53
N MET A 233 -5.18 -30.46 -8.10
CA MET A 233 -6.60 -30.42 -8.39
C MET A 233 -6.91 -30.83 -9.83
N VAL A 234 -6.07 -30.41 -10.78
CA VAL A 234 -6.22 -30.81 -12.17
C VAL A 234 -4.91 -30.54 -12.87
N LYS A 235 -4.70 -31.23 -14.00
CA LYS A 235 -3.57 -31.00 -14.90
C LYS A 235 -4.03 -31.16 -16.34
N GLY A 236 -3.35 -30.46 -17.24
CA GLY A 236 -3.67 -30.49 -18.65
C GLY A 236 -2.69 -29.65 -19.44
N ARG A 237 -2.47 -30.03 -20.72
CA ARG A 237 -1.59 -29.26 -21.59
C ARG A 237 -2.27 -28.02 -22.13
N GLY A 238 -3.59 -28.09 -22.31
CA GLY A 238 -4.29 -27.08 -23.05
C GLY A 238 -4.24 -25.71 -22.41
N THR A 239 -4.47 -24.70 -23.25
CA THR A 239 -4.41 -23.31 -22.81
C THR A 239 -5.63 -22.89 -21.99
N LYS A 240 -6.63 -23.76 -21.86
CA LYS A 240 -7.85 -23.49 -21.10
C LYS A 240 -7.84 -24.20 -19.75
N THR A 241 -6.74 -24.86 -19.40
CA THR A 241 -6.70 -25.62 -18.15
C THR A 241 -6.97 -24.72 -16.93
N PHE A 242 -6.41 -23.50 -16.94
CA PHE A 242 -6.58 -22.59 -15.81
C PHE A 242 -7.97 -21.95 -15.82
N LYS A 243 -8.47 -21.61 -17.01
N LYS A 243 -8.47 -21.61 -17.01
CA LYS A 243 -9.76 -20.94 -17.13
CA LYS A 243 -9.77 -20.93 -17.11
C LYS A 243 -10.89 -21.81 -16.60
C LYS A 243 -10.90 -21.81 -16.60
N LYS A 244 -10.90 -23.10 -16.99
CA LYS A 244 -11.96 -23.99 -16.55
C LYS A 244 -11.89 -24.19 -15.04
N TRP A 245 -10.68 -24.34 -14.49
CA TRP A 245 -10.54 -24.43 -13.05
C TRP A 245 -11.06 -23.16 -12.37
N LEU A 246 -10.76 -22.00 -12.95
CA LEU A 246 -11.21 -20.75 -12.38
C LEU A 246 -12.73 -20.70 -12.31
N ASP A 247 -13.40 -21.09 -13.41
CA ASP A 247 -14.86 -21.13 -13.41
C ASP A 247 -15.39 -22.01 -12.27
N GLU A 248 -14.72 -23.14 -12.01
CA GLU A 248 -15.16 -23.99 -10.91
C GLU A 248 -14.94 -23.31 -9.55
N LEU A 249 -13.79 -22.63 -9.37
CA LEU A 249 -13.57 -21.90 -8.12
C LEU A 249 -14.66 -20.88 -7.89
N ILE A 250 -15.00 -20.13 -8.95
CA ILE A 250 -15.99 -19.06 -8.83
C ILE A 250 -17.36 -19.61 -8.41
N THR A 251 -17.75 -20.75 -9.01
CA THR A 251 -18.97 -21.41 -8.60
C THR A 251 -18.98 -21.71 -7.10
N SER A 252 -17.84 -22.20 -6.58
CA SER A 252 -17.73 -22.56 -5.17
C SER A 252 -17.81 -21.35 -4.26
N LEU A 253 -17.57 -20.15 -4.78
CA LEU A 253 -17.54 -18.96 -3.94
C LEU A 253 -18.92 -18.35 -3.73
N SER A 254 -19.95 -18.87 -4.43
CA SER A 254 -21.27 -18.25 -4.36
C SER A 254 -21.80 -18.18 -2.93
N GLU A 255 -21.54 -19.21 -2.13
CA GLU A 255 -22.10 -19.32 -0.79
C GLU A 255 -21.07 -19.10 0.31
N ARG A 256 -19.99 -18.37 0.00
CA ARG A 256 -18.92 -18.09 0.96
C ARG A 256 -18.81 -16.60 1.23
N ALA A 257 -18.56 -16.26 2.48
CA ALA A 257 -18.29 -14.88 2.85
C ALA A 257 -16.77 -14.70 2.81
N VAL A 258 -16.32 -13.81 1.92
CA VAL A 258 -14.92 -13.63 1.61
C VAL A 258 -14.45 -12.30 2.18
N ALA A 259 -13.34 -12.33 2.91
CA ALA A 259 -12.74 -11.15 3.52
C ALA A 259 -11.67 -10.54 2.62
N GLU A 260 -10.81 -11.37 2.04
CA GLU A 260 -9.73 -10.87 1.20
C GLU A 260 -9.35 -11.91 0.17
N ILE A 261 -9.03 -11.42 -1.02
CA ILE A 261 -8.44 -12.22 -2.07
C ILE A 261 -7.20 -11.48 -2.52
N GLY A 262 -6.10 -12.22 -2.64
CA GLY A 262 -4.91 -11.70 -3.27
C GLY A 262 -4.57 -12.61 -4.44
N ILE A 263 -3.95 -12.03 -5.45
CA ILE A 263 -3.51 -12.76 -6.64
C ILE A 263 -2.03 -12.44 -6.85
N SER A 264 -1.22 -13.48 -7.02
CA SER A 264 0.19 -13.33 -7.32
C SER A 264 0.50 -14.07 -8.62
N TYR A 265 1.63 -13.70 -9.23
CA TYR A 265 2.00 -14.21 -10.55
C TYR A 265 3.50 -14.10 -10.75
N SER A 266 3.99 -14.91 -11.69
CA SER A 266 5.34 -14.77 -12.24
C SER A 266 5.22 -14.62 -13.74
N GLY A 267 6.16 -13.87 -14.34
CA GLY A 267 5.99 -13.48 -15.72
C GLY A 267 5.08 -12.26 -15.85
N SER A 268 4.35 -12.17 -16.97
CA SER A 268 3.43 -11.06 -17.16
C SER A 268 2.19 -11.20 -16.28
N ASP A 269 1.55 -10.05 -16.04
CA ASP A 269 0.39 -9.91 -15.18
C ASP A 269 -0.93 -10.03 -15.92
N ASP A 270 -0.90 -10.41 -17.21
CA ASP A 270 -2.13 -10.43 -17.99
C ASP A 270 -3.14 -11.38 -17.39
N TRP A 271 -2.74 -12.64 -17.16
CA TRP A 271 -3.68 -13.63 -16.66
C TRP A 271 -4.16 -13.28 -15.26
N ALA A 272 -3.24 -12.75 -14.44
CA ALA A 272 -3.58 -12.32 -13.09
C ALA A 272 -4.66 -11.23 -13.11
N LYS A 273 -4.51 -10.25 -14.01
CA LYS A 273 -5.49 -9.18 -14.10
C LYS A 273 -6.83 -9.71 -14.59
N GLU A 274 -6.80 -10.63 -15.56
CA GLU A 274 -8.01 -11.31 -15.98
C GLU A 274 -8.71 -12.02 -14.81
N MET A 275 -7.95 -12.79 -14.00
CA MET A 275 -8.57 -13.46 -12.85
C MET A 275 -9.16 -12.43 -11.88
N LYS A 276 -8.49 -11.29 -11.72
CA LYS A 276 -9.01 -10.27 -10.80
C LYS A 276 -10.38 -9.79 -11.27
N GLU A 277 -10.53 -9.55 -12.58
CA GLU A 277 -11.82 -9.09 -13.12
C GLU A 277 -12.96 -10.04 -12.78
N SER A 278 -12.72 -11.35 -12.78
N SER A 278 -12.72 -11.35 -12.80
CA SER A 278 -13.75 -12.31 -12.44
CA SER A 278 -13.76 -12.31 -12.42
C SER A 278 -13.89 -12.56 -10.94
C SER A 278 -13.97 -12.36 -10.92
N LEU A 279 -12.93 -12.12 -10.12
CA LEU A 279 -12.97 -12.40 -8.70
C LEU A 279 -13.34 -11.18 -7.85
N GLN A 280 -13.14 -9.96 -8.36
CA GLN A 280 -13.36 -8.78 -7.54
C GLN A 280 -14.81 -8.70 -7.07
N ALA A 281 -15.75 -9.27 -7.86
CA ALA A 281 -17.15 -9.22 -7.45
C ALA A 281 -17.41 -9.97 -6.15
N TYR A 282 -16.52 -10.91 -5.77
CA TYR A 282 -16.78 -11.78 -4.63
C TYR A 282 -16.15 -11.29 -3.32
N VAL A 283 -15.56 -10.10 -3.30
CA VAL A 283 -14.94 -9.56 -2.09
C VAL A 283 -15.02 -8.04 -2.12
N GLU A 284 -15.35 -7.44 -0.98
CA GLU A 284 -15.43 -5.99 -0.92
C GLU A 284 -14.05 -5.35 -1.06
N LYS A 285 -13.10 -5.82 -0.24
CA LYS A 285 -11.74 -5.28 -0.26
C LYS A 285 -11.15 -5.38 -1.67
N PRO A 286 -10.54 -4.32 -2.19
CA PRO A 286 -9.82 -4.40 -3.47
C PRO A 286 -8.74 -5.48 -3.45
N ILE A 287 -8.69 -6.25 -4.54
CA ILE A 287 -7.76 -7.37 -4.68
C ILE A 287 -6.34 -6.86 -4.98
N SER A 288 -5.36 -7.36 -4.22
CA SER A 288 -3.95 -7.04 -4.45
C SER A 288 -3.37 -8.01 -5.49
N VAL A 289 -2.96 -7.47 -6.63
CA VAL A 289 -2.32 -8.25 -7.68
C VAL A 289 -0.84 -7.90 -7.66
N LEU A 290 0.01 -8.87 -7.29
CA LEU A 290 1.42 -8.61 -6.99
C LEU A 290 2.31 -9.66 -7.66
N GLU A 291 3.44 -9.22 -8.19
CA GLU A 291 4.47 -10.15 -8.66
C GLU A 291 5.06 -10.89 -7.47
N THR A 292 5.10 -12.22 -7.55
CA THR A 292 5.72 -12.97 -6.47
C THR A 292 7.24 -12.76 -6.46
N GLY A 293 7.84 -13.00 -5.30
CA GLY A 293 9.26 -12.74 -5.12
C GLY A 293 10.15 -13.77 -5.81
N SER A 294 11.45 -13.44 -5.84
CA SER A 294 12.45 -14.30 -6.45
C SER A 294 12.46 -15.70 -5.81
N ILE A 295 12.24 -15.76 -4.49
CA ILE A 295 12.27 -17.03 -3.79
C ILE A 295 11.21 -17.98 -4.38
N ILE A 296 9.99 -17.46 -4.62
CA ILE A 296 8.92 -18.29 -5.20
C ILE A 296 9.18 -18.55 -6.69
N GLN A 297 9.54 -17.50 -7.46
CA GLN A 297 9.71 -17.64 -8.92
C GLN A 297 10.72 -18.75 -9.23
N THR A 298 11.76 -18.86 -8.42
CA THR A 298 12.82 -19.82 -8.70
C THR A 298 12.25 -21.23 -8.76
N HIS A 299 11.25 -21.51 -7.89
CA HIS A 299 10.67 -22.86 -7.74
C HIS A 299 9.42 -23.11 -8.57
N THR A 300 8.67 -22.07 -8.94
CA THR A 300 7.47 -22.25 -9.75
C THR A 300 7.75 -22.15 -11.25
N GLY A 301 8.78 -21.37 -11.64
CA GLY A 301 8.96 -20.93 -13.01
C GLY A 301 8.06 -19.76 -13.38
N GLU A 302 8.26 -19.26 -14.59
CA GLU A 302 7.49 -18.16 -15.17
C GLU A 302 6.09 -18.65 -15.57
N ASN A 303 5.17 -17.69 -15.76
CA ASN A 303 3.75 -17.98 -16.06
C ASN A 303 3.11 -18.90 -15.02
N ALA A 304 3.47 -18.69 -13.75
CA ALA A 304 2.78 -19.28 -12.60
C ALA A 304 1.90 -18.21 -11.96
N TRP A 305 0.94 -18.69 -11.17
CA TRP A 305 0.04 -17.76 -10.48
C TRP A 305 -0.45 -18.39 -9.19
N ALA A 306 -0.94 -17.54 -8.28
CA ALA A 306 -1.61 -17.99 -7.07
C ALA A 306 -2.83 -17.14 -6.78
N ILE A 307 -3.85 -17.79 -6.23
CA ILE A 307 -5.02 -17.12 -5.65
C ILE A 307 -5.00 -17.43 -4.17
N LEU A 308 -4.96 -16.38 -3.35
CA LEU A 308 -4.88 -16.49 -1.91
C LEU A 308 -6.19 -15.92 -1.39
N ILE A 309 -6.98 -16.76 -0.73
CA ILE A 309 -8.30 -16.37 -0.27
C ILE A 309 -8.34 -16.48 1.24
N ARG A 310 -8.87 -15.44 1.89
CA ARG A 310 -9.16 -15.43 3.31
C ARG A 310 -10.67 -15.20 3.48
N TYR A 311 -11.35 -16.19 4.08
CA TYR A 311 -12.79 -16.13 4.31
C TYR A 311 -13.08 -15.49 5.67
N HIS A 312 -14.28 -14.92 5.80
CA HIS A 312 -14.65 -14.29 7.06
C HIS A 312 -14.69 -15.29 8.21
N SER A 313 -14.13 -14.87 9.34
CA SER A 313 -13.95 -15.70 10.52
C SER A 313 -15.27 -15.91 11.26
N THR B 36 -18.27 0.77 -20.38
N THR B 36 -16.07 -0.45 -19.70
CA THR B 36 -17.25 0.24 -19.48
CA THR B 36 -17.05 0.62 -19.61
C THR B 36 -17.29 0.93 -18.12
C THR B 36 -17.08 1.23 -18.22
N LYS B 37 -16.25 0.68 -17.32
CA LYS B 37 -16.18 1.22 -15.97
C LYS B 37 -15.61 2.64 -15.98
N ILE B 38 -16.14 3.45 -15.06
CA ILE B 38 -15.64 4.82 -14.92
C ILE B 38 -14.19 4.81 -14.48
N LYS B 39 -13.43 5.79 -14.95
CA LYS B 39 -12.02 5.92 -14.62
C LYS B 39 -11.80 7.17 -13.77
N ILE B 40 -11.08 6.99 -12.66
CA ILE B 40 -10.84 8.05 -11.70
C ILE B 40 -9.50 8.71 -12.00
N VAL B 41 -9.52 10.04 -12.08
CA VAL B 41 -8.32 10.87 -12.24
C VAL B 41 -8.20 11.80 -11.03
N THR B 42 -6.96 12.11 -10.63
CA THR B 42 -6.67 13.13 -9.63
C THR B 42 -5.31 13.73 -9.95
N ASP B 43 -4.79 14.54 -9.02
CA ASP B 43 -3.52 15.23 -9.20
C ASP B 43 -2.53 14.78 -8.12
N SER B 44 -1.25 15.10 -8.34
CA SER B 44 -0.16 14.60 -7.49
C SER B 44 -0.06 15.33 -6.15
N SER B 45 -0.98 16.24 -5.85
CA SER B 45 -1.06 16.73 -4.47
C SER B 45 -1.74 15.72 -3.57
N VAL B 46 -2.41 14.73 -4.18
CA VAL B 46 -2.95 13.63 -3.38
C VAL B 46 -1.80 12.96 -2.65
N THR B 47 -2.07 12.52 -1.42
CA THR B 47 -1.11 11.78 -0.63
C THR B 47 -1.72 10.42 -0.34
N ILE B 48 -1.09 9.37 -0.86
CA ILE B 48 -1.74 8.06 -0.96
C ILE B 48 -0.68 6.97 -1.06
N GLU B 49 -1.00 5.81 -0.49
CA GLU B 49 -0.17 4.63 -0.65
C GLU B 49 -0.04 4.25 -2.13
N PRO B 50 1.18 4.12 -2.66
CA PRO B 50 1.33 3.93 -4.12
C PRO B 50 0.69 2.68 -4.66
N GLU B 51 0.85 1.55 -3.97
CA GLU B 51 0.25 0.33 -4.47
C GLU B 51 -1.25 0.44 -4.56
N LEU B 52 -1.86 1.32 -3.74
CA LEU B 52 -3.29 1.53 -3.82
C LEU B 52 -3.66 2.24 -5.13
N VAL B 53 -2.74 3.05 -5.66
CA VAL B 53 -2.95 3.71 -6.95
C VAL B 53 -3.15 2.66 -8.06
N LYS B 54 -2.23 1.70 -8.15
N LYS B 54 -2.23 1.69 -8.15
CA LYS B 54 -2.36 0.65 -9.17
CA LYS B 54 -2.34 0.64 -9.16
C LYS B 54 -3.56 -0.24 -8.92
C LYS B 54 -3.56 -0.23 -8.91
N GLN B 55 -3.77 -0.61 -7.66
CA GLN B 55 -4.82 -1.56 -7.31
C GLN B 55 -6.19 -1.02 -7.70
N LEU B 56 -6.38 0.29 -7.65
CA LEU B 56 -7.67 0.92 -7.95
C LEU B 56 -7.69 1.58 -9.33
N ASP B 57 -6.61 1.46 -10.10
N ASP B 57 -6.60 1.45 -10.09
CA ASP B 57 -6.52 2.02 -11.45
CA ASP B 57 -6.51 2.01 -11.44
C ASP B 57 -6.72 3.53 -11.46
C ASP B 57 -6.73 3.52 -11.44
N ILE B 58 -6.14 4.21 -10.46
CA ILE B 58 -6.22 5.66 -10.36
C ILE B 58 -5.16 6.28 -11.27
N THR B 59 -5.55 7.30 -12.03
CA THR B 59 -4.63 8.07 -12.86
C THR B 59 -4.31 9.37 -12.14
N ILE B 60 -3.02 9.59 -11.86
CA ILE B 60 -2.52 10.75 -11.13
C ILE B 60 -1.78 11.64 -12.12
N VAL B 61 -2.30 12.84 -12.32
CA VAL B 61 -1.68 13.83 -13.19
C VAL B 61 -0.66 14.60 -12.36
N PRO B 62 0.61 14.62 -12.75
CA PRO B 62 1.64 15.25 -11.91
C PRO B 62 1.74 16.76 -12.11
N LEU B 63 1.79 17.48 -10.99
CA LEU B 63 2.31 18.83 -11.03
C LEU B 63 3.83 18.80 -11.24
N SER B 64 4.42 20.00 -11.35
CA SER B 64 5.86 20.15 -11.41
C SER B 64 6.32 21.11 -10.30
N VAL B 65 7.63 21.04 -10.00
CA VAL B 65 8.27 21.91 -9.02
C VAL B 65 9.66 22.25 -9.56
N MET B 66 9.99 23.53 -9.56
CA MET B 66 11.29 24.02 -10.00
C MET B 66 12.22 24.14 -8.81
N ILE B 67 13.34 23.43 -8.88
CA ILE B 67 14.35 23.43 -7.83
C ILE B 67 15.65 24.00 -8.42
N ASP B 68 16.04 25.20 -7.98
CA ASP B 68 17.19 25.91 -8.53
C ASP B 68 17.16 25.91 -10.06
N ASN B 69 15.99 26.23 -10.59
CA ASN B 69 15.69 26.39 -12.00
C ASN B 69 15.55 25.06 -12.74
N VAL B 70 15.74 23.92 -12.06
CA VAL B 70 15.55 22.62 -12.68
C VAL B 70 14.11 22.16 -12.47
N VAL B 71 13.46 21.78 -13.57
CA VAL B 71 12.03 21.44 -13.54
C VAL B 71 11.91 19.95 -13.31
N TYR B 72 11.37 19.57 -12.15
CA TYR B 72 11.10 18.20 -11.78
C TYR B 72 9.60 17.92 -11.93
N SER B 73 9.26 16.78 -12.53
CA SER B 73 7.91 16.27 -12.34
C SER B 73 7.77 15.73 -10.92
N ASP B 74 6.63 16.04 -10.30
CA ASP B 74 6.35 15.54 -8.96
C ASP B 74 6.39 14.01 -8.91
N ALA B 75 6.01 13.36 -10.00
CA ALA B 75 6.06 11.90 -10.06
C ALA B 75 7.47 11.36 -9.82
N ASP B 76 8.50 12.16 -10.08
CA ASP B 76 9.87 11.77 -9.81
C ASP B 76 10.35 12.21 -8.43
N LEU B 77 9.46 12.73 -7.58
CA LEU B 77 9.84 13.22 -6.26
C LEU B 77 9.08 12.48 -5.17
N LYS B 78 8.74 11.21 -5.41
CA LYS B 78 7.90 10.47 -4.47
C LYS B 78 8.68 9.58 -3.52
N GLU B 79 9.98 9.33 -3.74
CA GLU B 79 10.70 8.49 -2.80
C GLU B 79 10.86 9.21 -1.46
N GLU B 80 10.77 8.44 -0.37
CA GLU B 80 10.84 9.00 0.97
C GLU B 80 12.07 9.87 1.14
N GLY B 81 11.83 11.15 1.45
CA GLY B 81 12.88 12.06 1.87
C GLY B 81 13.67 12.72 0.76
N LYS B 82 13.39 12.39 -0.50
CA LYS B 82 14.22 12.91 -1.59
C LYS B 82 14.04 14.41 -1.76
N PHE B 83 12.79 14.87 -1.87
CA PHE B 83 12.56 16.31 -2.07
C PHE B 83 12.98 17.13 -0.84
N LEU B 84 12.74 16.59 0.35
CA LEU B 84 13.15 17.25 1.60
C LEU B 84 14.62 17.64 1.56
N GLN B 85 15.48 16.73 1.09
CA GLN B 85 16.91 17.05 1.02
C GLN B 85 17.19 18.08 -0.05
N LEU B 86 16.54 17.95 -1.21
CA LEU B 86 16.67 18.98 -2.24
C LEU B 86 16.27 20.35 -1.69
N MET B 87 15.10 20.43 -1.05
CA MET B 87 14.62 21.73 -0.57
C MET B 87 15.48 22.24 0.60
N GLN B 88 16.09 21.34 1.35
CA GLN B 88 17.01 21.76 2.40
C GLN B 88 18.26 22.42 1.83
N GLU B 89 18.70 21.98 0.66
CA GLU B 89 19.98 22.42 0.11
C GLU B 89 19.86 23.40 -1.04
N SER B 90 18.67 23.55 -1.62
CA SER B 90 18.51 24.43 -2.76
C SER B 90 18.86 25.88 -2.37
N LYS B 91 19.46 26.59 -3.32
CA LYS B 91 19.85 27.97 -3.09
C LYS B 91 18.64 28.88 -2.93
N ASN B 92 17.56 28.56 -3.66
CA ASN B 92 16.30 29.28 -3.55
C ASN B 92 15.19 28.35 -3.10
N LEU B 93 14.15 28.93 -2.53
CA LEU B 93 12.95 28.18 -2.26
C LEU B 93 12.40 27.63 -3.58
N PRO B 94 11.94 26.38 -3.61
CA PRO B 94 11.31 25.84 -4.81
C PRO B 94 10.00 26.53 -5.13
N LYS B 95 9.59 26.39 -6.39
CA LYS B 95 8.34 26.95 -6.90
C LYS B 95 7.55 25.86 -7.61
N THR B 96 6.28 25.75 -7.26
CA THR B 96 5.39 24.75 -7.84
C THR B 96 4.63 25.33 -9.05
N SER B 97 4.14 24.42 -9.88
CA SER B 97 3.31 24.77 -11.03
C SER B 97 2.27 23.69 -11.27
N GLN B 98 1.08 24.12 -11.66
CA GLN B 98 -0.01 23.23 -12.02
C GLN B 98 0.35 22.48 -13.30
N PRO B 99 -0.39 21.41 -13.61
CA PRO B 99 -0.14 20.70 -14.87
C PRO B 99 -0.66 21.52 -16.05
N PRO B 100 -0.01 21.40 -17.21
CA PRO B 100 -0.54 22.07 -18.41
C PRO B 100 -1.91 21.53 -18.80
N VAL B 101 -2.69 22.40 -19.43
CA VAL B 101 -4.00 22.04 -19.99
C VAL B 101 -3.86 20.89 -20.97
N GLY B 102 -2.84 20.93 -21.83
CA GLY B 102 -2.69 19.89 -22.83
C GLY B 102 -2.39 18.53 -22.22
N VAL B 103 -1.73 18.52 -21.06
CA VAL B 103 -1.49 17.27 -20.35
C VAL B 103 -2.82 16.63 -19.96
N PHE B 104 -3.72 17.42 -19.35
CA PHE B 104 -5.03 16.88 -18.98
C PHE B 104 -5.78 16.40 -20.23
N ALA B 105 -5.77 17.21 -21.30
CA ALA B 105 -6.49 16.86 -22.52
C ALA B 105 -5.98 15.56 -23.11
N GLU B 106 -4.67 15.40 -23.17
CA GLU B 106 -4.10 14.16 -23.69
C GLU B 106 -4.52 12.96 -22.82
N ILE B 107 -4.55 13.13 -21.50
CA ILE B 107 -4.84 12.01 -20.62
C ILE B 107 -6.32 11.62 -20.72
N PHE B 108 -7.21 12.61 -20.68
CA PHE B 108 -8.63 12.34 -20.88
C PHE B 108 -8.87 11.61 -22.21
N GLU B 109 -8.25 12.10 -23.30
CA GLU B 109 -8.43 11.45 -24.60
C GLU B 109 -8.05 9.98 -24.55
N ASP B 110 -6.87 9.67 -24.01
CA ASP B 110 -6.43 8.29 -23.94
C ASP B 110 -7.37 7.44 -23.09
N LEU B 111 -7.85 7.98 -21.96
CA LEU B 111 -8.64 7.17 -21.04
C LEU B 111 -10.01 6.84 -21.60
N CYS B 112 -10.58 7.72 -22.42
CA CYS B 112 -11.90 7.49 -23.01
C CYS B 112 -11.88 6.56 -24.21
N LYS B 113 -10.70 6.06 -24.61
CA LYS B 113 -10.63 5.15 -25.75
C LYS B 113 -11.57 3.96 -25.58
N ASP B 114 -11.64 3.40 -24.37
CA ASP B 114 -12.52 2.28 -24.12
C ASP B 114 -14.00 2.65 -24.14
N GLY B 115 -14.34 3.93 -24.29
CA GLY B 115 -15.71 4.37 -24.25
C GLY B 115 -16.25 4.70 -22.88
N GLY B 116 -15.42 4.74 -21.85
CA GLY B 116 -15.89 5.04 -20.52
C GLY B 116 -15.86 6.53 -20.17
N GLN B 117 -16.62 6.88 -19.14
CA GLN B 117 -16.57 8.23 -18.61
C GLN B 117 -15.36 8.39 -17.69
N ILE B 118 -15.07 9.64 -17.36
CA ILE B 118 -13.94 10.00 -16.52
C ILE B 118 -14.42 10.96 -15.44
N LEU B 119 -14.08 10.64 -14.21
CA LEU B 119 -14.30 11.56 -13.08
C LEU B 119 -12.94 11.98 -12.53
N ALA B 120 -12.67 13.27 -12.59
CA ALA B 120 -11.42 13.84 -12.10
C ALA B 120 -11.73 14.60 -10.82
N ILE B 121 -11.04 14.22 -9.75
CA ILE B 121 -11.23 14.80 -8.43
C ILE B 121 -9.91 15.47 -8.06
N HIS B 122 -9.97 16.75 -7.73
CA HIS B 122 -8.76 17.55 -7.61
C HIS B 122 -8.72 18.42 -6.35
N MET B 123 -7.49 18.88 -6.09
CA MET B 123 -7.17 19.85 -5.04
C MET B 123 -8.00 21.13 -5.19
N SER B 124 -8.28 21.76 -4.04
CA SER B 124 -9.05 23.01 -3.96
C SER B 124 -8.51 24.07 -4.91
N HIS B 125 -9.43 24.67 -5.67
CA HIS B 125 -9.12 25.84 -6.49
C HIS B 125 -8.50 26.97 -5.67
N ALA B 126 -8.73 27.00 -4.35
CA ALA B 126 -8.09 28.03 -3.52
C ALA B 126 -6.58 27.82 -3.37
N LEU B 127 -6.11 26.57 -3.47
CA LEU B 127 -4.68 26.29 -3.32
C LEU B 127 -3.95 26.36 -4.65
N SER B 128 -4.63 26.01 -5.75
CA SER B 128 -4.02 25.75 -7.05
C SER B 128 -5.07 25.91 -8.15
N GLY B 129 -4.61 26.30 -9.34
CA GLY B 129 -5.40 26.31 -10.57
C GLY B 129 -5.45 24.98 -11.29
N THR B 130 -4.90 23.94 -10.65
CA THR B 130 -4.93 22.59 -11.17
C THR B 130 -6.35 22.18 -11.60
N VAL B 131 -7.33 22.35 -10.72
CA VAL B 131 -8.68 21.87 -11.05
C VAL B 131 -9.24 22.65 -12.23
N GLU B 132 -8.87 23.93 -12.38
CA GLU B 132 -9.30 24.71 -13.54
C GLU B 132 -8.62 24.23 -14.82
N ALA B 133 -7.34 23.87 -14.75
CA ALA B 133 -6.67 23.25 -15.89
C ALA B 133 -7.38 21.96 -16.30
N ALA B 134 -7.86 21.18 -15.32
CA ALA B 134 -8.61 19.95 -15.61
C ALA B 134 -9.88 20.27 -16.40
N ARG B 135 -10.61 21.30 -15.97
CA ARG B 135 -11.82 21.70 -16.69
C ARG B 135 -11.49 22.10 -18.12
N GLN B 136 -10.47 22.96 -18.28
CA GLN B 136 -10.08 23.37 -19.63
C GLN B 136 -9.65 22.18 -20.46
N GLY B 137 -8.86 21.27 -19.88
CA GLY B 137 -8.45 20.08 -20.62
C GLY B 137 -9.62 19.21 -21.02
N ALA B 138 -10.62 19.10 -20.14
CA ALA B 138 -11.82 18.32 -20.46
C ALA B 138 -12.62 18.96 -21.58
N SER B 139 -12.69 20.30 -21.58
N SER B 139 -12.70 20.30 -21.58
CA SER B 139 -13.45 21.00 -22.63
CA SER B 139 -13.45 20.99 -22.63
C SER B 139 -12.81 20.83 -24.00
C SER B 139 -12.83 20.75 -24.00
N LEU B 140 -11.54 20.44 -24.06
CA LEU B 140 -10.83 20.22 -25.31
C LEU B 140 -10.86 18.78 -25.76
N SER B 141 -11.32 17.89 -24.91
CA SER B 141 -11.35 16.47 -25.18
C SER B 141 -12.76 16.07 -25.57
N THR B 142 -12.85 15.07 -26.43
CA THR B 142 -14.13 14.48 -26.80
C THR B 142 -14.66 13.57 -25.70
N ALA B 143 -13.90 13.41 -24.62
CA ALA B 143 -14.24 12.47 -23.58
C ALA B 143 -15.32 13.06 -22.68
N ASP B 144 -16.16 12.18 -22.14
CA ASP B 144 -17.17 12.55 -21.18
C ASP B 144 -16.47 12.62 -19.81
N VAL B 145 -16.12 13.85 -19.41
CA VAL B 145 -15.30 14.09 -18.23
C VAL B 145 -16.07 14.99 -17.26
N ILE B 146 -16.23 14.53 -16.02
CA ILE B 146 -16.71 15.37 -14.93
C ILE B 146 -15.50 15.72 -14.07
N VAL B 147 -15.43 16.98 -13.64
CA VAL B 147 -14.30 17.50 -12.87
C VAL B 147 -14.86 18.08 -11.57
N VAL B 148 -14.41 17.54 -10.43
N VAL B 148 -14.39 17.54 -10.44
CA VAL B 148 -14.91 17.93 -9.13
CA VAL B 148 -14.89 17.91 -9.12
C VAL B 148 -13.76 18.46 -8.28
C VAL B 148 -13.75 18.47 -8.28
N ASP B 149 -14.05 19.53 -7.54
CA ASP B 149 -13.13 20.15 -6.59
C ASP B 149 -13.36 19.52 -5.23
N SER B 150 -12.37 18.78 -4.75
CA SER B 150 -12.46 18.09 -3.45
C SER B 150 -12.60 19.06 -2.27
N SER B 151 -12.21 20.32 -2.44
CA SER B 151 -12.08 21.33 -1.37
C SER B 151 -10.92 21.03 -0.44
N PHE B 152 -10.12 20.00 -0.74
CA PHE B 152 -8.93 19.74 0.06
C PHE B 152 -7.69 19.45 -0.78
N THR B 153 -6.85 18.54 -0.25
CA THR B 153 -5.61 18.05 -0.86
C THR B 153 -5.08 16.94 0.06
N ASP B 154 -3.90 16.40 -0.23
CA ASP B 154 -3.22 15.46 0.69
C ASP B 154 -4.15 14.26 0.92
N GLN B 155 -4.22 13.70 2.15
CA GLN B 155 -5.01 12.49 2.35
C GLN B 155 -6.51 12.75 2.46
N ALA B 156 -6.95 14.00 2.61
CA ALA B 156 -8.39 14.26 2.55
C ALA B 156 -8.90 14.11 1.13
N LEU B 157 -8.11 14.56 0.16
CA LEU B 157 -8.40 14.30 -1.26
C LEU B 157 -8.36 12.81 -1.54
N LYS B 158 -7.39 12.10 -0.93
CA LYS B 158 -7.34 10.64 -1.02
C LYS B 158 -8.69 10.01 -0.67
N PHE B 159 -9.31 10.44 0.43
CA PHE B 159 -10.54 9.81 0.90
C PHE B 159 -11.58 9.77 -0.22
N GLN B 160 -11.77 10.89 -0.91
CA GLN B 160 -12.72 10.95 -2.02
C GLN B 160 -12.23 10.15 -3.22
N VAL B 161 -10.93 10.24 -3.54
CA VAL B 161 -10.43 9.56 -4.74
C VAL B 161 -10.57 8.04 -4.58
N VAL B 162 -10.15 7.53 -3.42
CA VAL B 162 -10.15 6.10 -3.16
C VAL B 162 -11.58 5.55 -3.11
N GLU B 163 -12.50 6.32 -2.52
N GLU B 163 -12.49 6.31 -2.49
CA GLU B 163 -13.88 5.87 -2.48
CA GLU B 163 -13.89 5.91 -2.47
C GLU B 163 -14.50 5.84 -3.88
C GLU B 163 -14.44 5.82 -3.89
N ALA B 164 -14.18 6.85 -4.71
CA ALA B 164 -14.72 6.88 -6.06
C ALA B 164 -14.15 5.73 -6.89
N ALA B 165 -12.85 5.47 -6.74
CA ALA B 165 -12.21 4.39 -7.48
C ALA B 165 -12.83 3.05 -7.12
N LYS B 166 -13.09 2.82 -5.83
CA LYS B 166 -13.64 1.54 -5.38
C LYS B 166 -15.03 1.33 -5.95
N LEU B 167 -15.89 2.33 -5.84
CA LEU B 167 -17.21 2.27 -6.48
C LEU B 167 -17.09 2.08 -7.98
N ALA B 168 -16.25 2.90 -8.63
CA ALA B 168 -16.03 2.74 -10.06
C ALA B 168 -15.66 1.31 -10.42
N GLN B 169 -14.77 0.71 -9.63
CA GLN B 169 -14.31 -0.65 -9.91
C GLN B 169 -15.44 -1.65 -9.72
N GLU B 170 -16.38 -1.35 -8.83
CA GLU B 170 -17.56 -2.18 -8.64
C GLU B 170 -18.62 -1.98 -9.72
N GLY B 171 -18.40 -1.07 -10.68
CA GLY B 171 -19.40 -0.79 -11.70
C GLY B 171 -20.48 0.22 -11.35
N LYS B 172 -20.33 0.99 -10.27
CA LYS B 172 -21.30 2.04 -10.01
C LYS B 172 -21.29 3.08 -11.13
N ASP B 173 -22.43 3.76 -11.28
CA ASP B 173 -22.63 4.79 -12.29
C ASP B 173 -22.20 6.16 -11.73
N MET B 174 -22.08 7.12 -12.64
CA MET B 174 -21.52 8.41 -12.27
C MET B 174 -22.34 9.07 -11.17
N GLU B 175 -23.66 9.01 -11.27
CA GLU B 175 -24.51 9.71 -10.32
C GLU B 175 -24.32 9.14 -8.92
N ALA B 176 -24.07 7.84 -8.82
CA ALA B 176 -23.87 7.24 -7.51
C ALA B 176 -22.52 7.63 -6.92
N ILE B 177 -21.49 7.63 -7.76
CA ILE B 177 -20.14 7.98 -7.29
C ILE B 177 -20.12 9.42 -6.82
N LEU B 178 -20.74 10.32 -7.59
CA LEU B 178 -20.79 11.71 -7.20
C LEU B 178 -21.45 11.86 -5.84
N SER B 179 -22.52 11.10 -5.60
CA SER B 179 -23.24 11.14 -4.33
C SER B 179 -22.35 10.72 -3.18
N HIS B 180 -21.63 9.61 -3.32
N HIS B 180 -21.64 9.61 -3.32
CA HIS B 180 -20.76 9.12 -2.26
CA HIS B 180 -20.75 9.13 -2.25
C HIS B 180 -19.56 10.06 -2.05
C HIS B 180 -19.58 10.07 -2.05
N VAL B 181 -19.01 10.59 -3.15
CA VAL B 181 -17.90 11.53 -3.06
C VAL B 181 -18.28 12.73 -2.21
N GLU B 182 -19.42 13.35 -2.54
CA GLU B 182 -19.94 14.44 -1.74
C GLU B 182 -20.09 14.03 -0.28
N GLU B 183 -20.55 12.80 -0.02
CA GLU B 183 -20.75 12.37 1.36
C GLU B 183 -19.44 12.33 2.13
N VAL B 184 -18.40 11.73 1.52
CA VAL B 184 -17.06 11.73 2.10
C VAL B 184 -16.61 13.16 2.37
N LYS B 185 -16.77 14.04 1.37
CA LYS B 185 -16.33 15.42 1.52
C LYS B 185 -16.92 16.06 2.77
N ASN B 186 -18.23 15.89 2.98
CA ASN B 186 -18.94 16.52 4.08
C ASN B 186 -18.77 15.80 5.41
N HIS B 187 -18.04 14.69 5.42
CA HIS B 187 -17.66 14.02 6.66
C HIS B 187 -16.16 14.06 6.88
N THR B 188 -15.47 14.95 6.18
CA THR B 188 -14.03 15.09 6.28
C THR B 188 -13.65 16.39 6.98
N GLU B 189 -12.69 16.29 7.88
CA GLU B 189 -12.01 17.44 8.45
C GLU B 189 -10.53 17.35 8.11
N LEU B 190 -9.91 18.52 7.89
CA LEU B 190 -8.47 18.64 7.66
C LEU B 190 -7.90 19.64 8.64
N TYR B 191 -6.89 19.21 9.38
CA TYR B 191 -6.13 20.05 10.30
C TYR B 191 -4.68 20.03 9.87
N ILE B 192 -4.07 21.21 9.82
CA ILE B 192 -2.66 21.34 9.46
C ILE B 192 -1.94 22.19 10.49
N GLY B 193 -0.77 21.73 10.90
CA GLY B 193 0.17 22.50 11.71
C GLY B 193 1.42 22.78 10.90
N VAL B 194 1.91 24.02 11.00
CA VAL B 194 3.20 24.43 10.43
C VAL B 194 4.07 25.01 11.54
N SER B 195 5.39 24.82 11.40
CA SER B 195 6.37 25.33 12.34
C SER B 195 6.99 26.66 11.87
N THR B 196 6.61 27.14 10.68
CA THR B 196 6.95 28.48 10.21
C THR B 196 5.90 28.91 9.20
N LEU B 197 5.81 30.24 9.02
CA LEU B 197 4.92 30.85 8.04
C LEU B 197 5.66 31.28 6.78
N GLU B 198 6.99 31.17 6.76
CA GLU B 198 7.75 31.72 5.63
C GLU B 198 7.35 31.05 4.32
N ASN B 199 7.25 29.71 4.29
CA ASN B 199 6.91 29.05 3.02
C ASN B 199 5.51 29.45 2.56
N LEU B 200 4.58 29.59 3.51
CA LEU B 200 3.22 30.02 3.18
C LEU B 200 3.22 31.42 2.60
N VAL B 201 4.05 32.31 3.16
CA VAL B 201 4.13 33.68 2.66
C VAL B 201 4.80 33.71 1.29
N LYS B 202 5.96 33.04 1.16
CA LYS B 202 6.71 33.15 -0.09
C LYS B 202 5.93 32.56 -1.25
N GLY B 203 5.15 31.52 -0.99
CA GLY B 203 4.39 30.79 -1.99
C GLY B 203 3.02 31.36 -2.31
N GLY B 204 2.56 32.38 -1.57
CA GLY B 204 1.30 33.04 -1.85
C GLY B 204 0.07 32.54 -1.09
N ARG B 205 0.12 31.34 -0.52
CA ARG B 205 -1.09 30.75 0.05
C ARG B 205 -1.41 31.26 1.45
N ILE B 206 -0.50 32.02 2.07
CA ILE B 206 -0.89 32.80 3.25
C ILE B 206 -2.15 33.62 2.93
N GLY B 207 -2.35 33.98 1.67
CA GLY B 207 -3.54 34.73 1.27
C GLY B 207 -4.86 34.02 1.54
N ARG B 208 -4.84 32.69 1.73
CA ARG B 208 -6.03 31.90 2.03
C ARG B 208 -6.22 31.67 3.52
N VAL B 209 -5.28 32.09 4.34
CA VAL B 209 -5.43 32.04 5.78
C VAL B 209 -6.26 33.24 6.22
N THR B 210 -7.32 32.99 6.99
CA THR B 210 -8.27 34.02 7.37
C THR B 210 -7.92 34.58 8.75
N GLY B 211 -7.62 35.87 8.79
CA GLY B 211 -7.45 36.56 10.06
C GLY B 211 -6.29 36.07 10.91
N LEU B 212 -5.19 35.70 10.27
CA LEU B 212 -3.98 35.36 11.00
C LEU B 212 -3.20 36.64 11.30
N LEU B 213 -2.98 36.91 12.57
CA LEU B 213 -2.24 38.10 13.01
C LEU B 213 -0.96 37.63 13.70
N SER B 214 0.19 37.97 13.13
CA SER B 214 1.46 37.49 13.66
C SER B 214 2.56 38.48 13.31
N SER B 215 3.26 38.97 14.32
CA SER B 215 4.46 39.75 14.10
C SER B 215 5.68 38.90 13.80
N LEU B 216 5.53 37.56 13.80
CA LEU B 216 6.63 36.64 13.59
C LEU B 216 6.26 35.63 12.51
N LEU B 217 7.26 35.19 11.74
CA LEU B 217 7.10 34.07 10.82
C LEU B 217 7.48 32.74 11.45
N ASN B 218 8.46 32.73 12.35
CA ASN B 218 8.86 31.49 13.00
C ASN B 218 8.01 31.29 14.25
N ILE B 219 6.86 30.66 14.02
CA ILE B 219 5.88 30.38 15.05
C ILE B 219 5.07 29.16 14.60
N ARG B 220 4.65 28.37 15.59
CA ARG B 220 3.84 27.18 15.35
C ARG B 220 2.37 27.58 15.28
N VAL B 221 1.69 27.09 14.24
CA VAL B 221 0.32 27.49 13.96
C VAL B 221 -0.47 26.25 13.58
N VAL B 222 -1.61 26.05 14.22
CA VAL B 222 -2.55 25.03 13.81
C VAL B 222 -3.72 25.70 13.14
N MET B 223 -4.10 25.20 11.97
CA MET B 223 -5.18 25.69 11.16
C MET B 223 -6.08 24.53 10.79
N GLN B 224 -7.30 24.89 10.42
CA GLN B 224 -8.27 23.96 9.86
C GLN B 224 -8.65 24.48 8.48
N MET B 225 -8.56 23.60 7.47
CA MET B 225 -8.99 23.95 6.12
C MET B 225 -10.46 23.58 5.96
N LYS B 226 -11.29 24.61 5.84
CA LYS B 226 -12.74 24.45 5.77
C LYS B 226 -13.27 25.43 4.75
N ASP B 227 -14.19 24.96 3.90
CA ASP B 227 -14.77 25.76 2.84
C ASP B 227 -13.70 26.52 2.06
N HIS B 228 -12.60 25.83 1.74
CA HIS B 228 -11.50 26.35 0.92
C HIS B 228 -10.70 27.44 1.63
N GLU B 229 -10.75 27.49 2.95
CA GLU B 229 -10.03 28.50 3.71
C GLU B 229 -9.23 27.84 4.81
N LEU B 230 -8.11 28.47 5.15
CA LEU B 230 -7.27 28.06 6.26
C LEU B 230 -7.65 28.92 7.46
N GLN B 231 -8.24 28.29 8.45
CA GLN B 231 -8.73 29.02 9.61
C GLN B 231 -7.85 28.72 10.80
N PRO B 232 -7.12 29.71 11.31
CA PRO B 232 -6.25 29.46 12.47
C PRO B 232 -7.06 29.02 13.67
N MET B 233 -6.59 27.96 14.32
CA MET B 233 -7.18 27.51 15.58
C MET B 233 -6.34 27.94 16.78
N VAL B 234 -5.01 27.81 16.71
CA VAL B 234 -4.12 28.29 17.76
C VAL B 234 -2.77 28.64 17.15
N LYS B 235 -2.02 29.54 17.82
CA LYS B 235 -0.62 29.82 17.48
C LYS B 235 0.18 30.03 18.76
N GLY B 236 1.48 29.76 18.66
CA GLY B 236 2.38 29.94 19.79
C GLY B 236 3.78 29.52 19.38
N ARG B 237 4.77 30.10 20.07
CA ARG B 237 6.16 29.78 19.81
C ARG B 237 6.57 28.48 20.50
N GLY B 238 5.88 28.13 21.58
CA GLY B 238 6.34 27.04 22.40
C GLY B 238 6.23 25.69 21.70
N THR B 239 7.08 24.76 22.18
CA THR B 239 7.17 23.41 21.65
C THR B 239 5.94 22.57 21.95
N LYS B 240 5.13 22.99 22.93
CA LYS B 240 3.93 22.26 23.33
C LYS B 240 2.68 22.73 22.58
N THR B 241 2.81 23.74 21.74
CA THR B 241 1.66 24.27 21.00
C THR B 241 0.88 23.14 20.31
N PHE B 242 1.59 22.25 19.64
CA PHE B 242 0.91 21.15 18.92
C PHE B 242 0.34 20.11 19.88
N LYS B 243 1.13 19.73 20.90
CA LYS B 243 0.69 18.70 21.84
C LYS B 243 -0.57 19.14 22.59
N LYS B 244 -0.63 20.42 23.01
CA LYS B 244 -1.83 20.92 23.67
C LYS B 244 -3.03 20.88 22.73
N TRP B 245 -2.86 21.34 21.48
CA TRP B 245 -3.96 21.26 20.54
C TRP B 245 -4.42 19.82 20.35
N LEU B 246 -3.48 18.87 20.31
CA LEU B 246 -3.84 17.47 20.07
C LEU B 246 -4.68 16.91 21.22
N ASP B 247 -4.22 17.11 22.47
CA ASP B 247 -4.99 16.66 23.63
C ASP B 247 -6.45 17.11 23.54
N GLU B 248 -6.70 18.33 23.03
CA GLU B 248 -8.07 18.76 22.83
C GLU B 248 -8.74 17.97 21.71
N LEU B 249 -8.07 17.84 20.56
CA LEU B 249 -8.62 17.02 19.50
C LEU B 249 -9.04 15.65 20.04
N ILE B 250 -8.16 15.03 20.82
CA ILE B 250 -8.38 13.68 21.30
C ILE B 250 -9.63 13.63 22.17
N THR B 251 -9.85 14.69 22.97
CA THR B 251 -11.06 14.79 23.76
C THR B 251 -12.30 14.82 22.89
N SER B 252 -12.30 15.67 21.85
CA SER B 252 -13.47 15.80 20.99
C SER B 252 -13.81 14.51 20.24
N LEU B 253 -12.83 13.61 20.07
CA LEU B 253 -13.01 12.40 19.28
C LEU B 253 -13.63 11.26 20.08
N SER B 254 -13.57 11.32 21.41
CA SER B 254 -14.15 10.27 22.25
C SER B 254 -15.65 10.12 22.00
N GLU B 255 -16.30 11.16 21.51
CA GLU B 255 -17.73 11.18 21.24
C GLU B 255 -18.08 10.84 19.81
N ARG B 256 -17.08 10.60 18.94
CA ARG B 256 -17.31 10.52 17.51
C ARG B 256 -16.96 9.14 16.97
N ALA B 257 -17.71 8.72 15.94
CA ALA B 257 -17.47 7.47 15.22
C ALA B 257 -16.62 7.78 14.00
N VAL B 258 -15.39 7.26 13.97
CA VAL B 258 -14.39 7.64 12.99
C VAL B 258 -14.12 6.46 12.08
N ALA B 259 -14.24 6.69 10.78
CA ALA B 259 -13.93 5.69 9.76
C ALA B 259 -12.44 5.62 9.47
N GLU B 260 -11.79 6.78 9.34
CA GLU B 260 -10.39 6.78 8.92
C GLU B 260 -9.69 8.01 9.49
N ILE B 261 -8.43 7.81 9.85
CA ILE B 261 -7.52 8.90 10.16
C ILE B 261 -6.24 8.67 9.39
N GLY B 262 -5.82 9.68 8.65
CA GLY B 262 -4.50 9.68 8.07
C GLY B 262 -3.70 10.78 8.73
N ILE B 263 -2.39 10.64 8.68
CA ILE B 263 -1.47 11.63 9.19
C ILE B 263 -0.41 11.84 8.15
N SER B 264 -0.13 13.10 7.83
CA SER B 264 0.92 13.44 6.88
C SER B 264 1.89 14.40 7.55
N TYR B 265 3.14 14.38 7.07
CA TYR B 265 4.18 15.14 7.72
C TYR B 265 5.19 15.58 6.67
N SER B 266 5.90 16.64 7.00
CA SER B 266 7.12 17.03 6.32
C SER B 266 8.24 17.06 7.36
N GLY B 267 9.46 16.79 6.90
CA GLY B 267 10.58 16.59 7.81
C GLY B 267 10.60 15.16 8.33
N SER B 268 11.12 14.98 9.55
CA SER B 268 11.12 13.66 10.14
C SER B 268 9.72 13.27 10.62
N ASP B 269 9.51 11.96 10.74
CA ASP B 269 8.22 11.36 11.09
C ASP B 269 7.98 11.20 12.60
N ASP B 270 8.89 11.70 13.44
CA ASP B 270 8.80 11.48 14.89
C ASP B 270 7.47 11.99 15.45
N TRP B 271 7.18 13.29 15.26
CA TRP B 271 5.94 13.84 15.78
C TRP B 271 4.74 13.11 15.19
N ALA B 272 4.78 12.82 13.87
CA ALA B 272 3.69 12.10 13.23
C ALA B 272 3.46 10.74 13.89
N LYS B 273 4.53 9.99 14.13
N LYS B 273 4.53 9.99 14.13
CA LYS B 273 4.39 8.69 14.77
CA LYS B 273 4.41 8.69 14.78
C LYS B 273 3.88 8.84 16.21
C LYS B 273 3.90 8.82 16.21
N GLU B 274 4.21 9.94 16.88
CA GLU B 274 3.70 10.17 18.23
C GLU B 274 2.19 10.45 18.21
N MET B 275 1.73 11.30 17.28
CA MET B 275 0.28 11.53 17.16
C MET B 275 -0.44 10.23 16.78
N LYS B 276 0.16 9.40 15.93
CA LYS B 276 -0.43 8.10 15.63
C LYS B 276 -0.59 7.25 16.89
N GLU B 277 0.42 7.25 17.76
CA GLU B 277 0.35 6.48 19.00
C GLU B 277 -0.87 6.88 19.83
N SER B 278 -1.18 8.17 19.87
CA SER B 278 -2.31 8.70 20.64
C SER B 278 -3.63 8.62 19.90
N LEU B 279 -3.60 8.49 18.57
CA LEU B 279 -4.84 8.52 17.80
C LEU B 279 -5.28 7.14 17.32
N GLN B 280 -4.35 6.19 17.20
CA GLN B 280 -4.70 4.87 16.68
C GLN B 280 -5.83 4.23 17.48
N ALA B 281 -5.92 4.52 18.79
CA ALA B 281 -6.97 3.97 19.64
C ALA B 281 -8.37 4.45 19.28
N TYR B 282 -8.51 5.47 18.42
CA TYR B 282 -9.82 6.05 18.14
C TYR B 282 -10.34 5.67 16.76
N VAL B 283 -9.68 4.73 16.08
CA VAL B 283 -10.14 4.29 14.76
C VAL B 283 -9.67 2.87 14.53
N GLU B 284 -10.59 2.04 14.02
CA GLU B 284 -10.26 0.65 13.71
C GLU B 284 -9.17 0.56 12.66
N LYS B 285 -9.37 1.22 11.52
CA LYS B 285 -8.45 1.07 10.41
C LYS B 285 -7.06 1.58 10.77
N PRO B 286 -6.00 0.83 10.49
CA PRO B 286 -4.64 1.32 10.74
C PRO B 286 -4.41 2.70 10.11
N ILE B 287 -3.73 3.57 10.86
CA ILE B 287 -3.48 4.94 10.41
C ILE B 287 -2.32 4.92 9.42
N SER B 288 -2.54 5.53 8.26
CA SER B 288 -1.46 5.73 7.30
C SER B 288 -0.73 7.00 7.70
N VAL B 289 0.57 6.86 7.93
CA VAL B 289 1.46 7.97 8.26
C VAL B 289 2.36 8.17 7.06
N LEU B 290 2.09 9.21 6.28
CA LEU B 290 2.70 9.41 4.98
C LEU B 290 3.43 10.74 4.94
N GLU B 291 4.65 10.72 4.43
CA GLU B 291 5.34 11.95 4.09
C GLU B 291 4.56 12.60 2.95
N THR B 292 4.23 13.88 3.13
CA THR B 292 3.42 14.61 2.16
C THR B 292 4.28 14.93 0.94
N GLY B 293 3.62 15.22 -0.18
CA GLY B 293 4.34 15.38 -1.43
C GLY B 293 5.09 16.71 -1.51
N SER B 294 5.98 16.78 -2.52
CA SER B 294 6.80 17.97 -2.74
C SER B 294 5.95 19.22 -2.95
N ILE B 295 4.77 19.06 -3.59
CA ILE B 295 3.90 20.21 -3.84
C ILE B 295 3.47 20.86 -2.53
N ILE B 296 3.07 20.04 -1.55
CA ILE B 296 2.66 20.58 -0.26
C ILE B 296 3.87 21.13 0.51
N GLN B 297 4.94 20.32 0.60
CA GLN B 297 6.15 20.69 1.34
C GLN B 297 6.66 22.07 0.95
N THR B 298 6.67 22.37 -0.36
CA THR B 298 7.17 23.67 -0.81
C THR B 298 6.47 24.80 -0.07
N HIS B 299 5.18 24.61 0.20
CA HIS B 299 4.36 25.69 0.72
C HIS B 299 4.19 25.66 2.23
N THR B 300 4.32 24.49 2.87
CA THR B 300 4.27 24.38 4.33
C THR B 300 5.64 24.54 4.97
N GLY B 301 6.70 24.17 4.27
CA GLY B 301 8.01 24.02 4.88
C GLY B 301 8.11 22.75 5.71
N GLU B 302 9.28 22.63 6.31
CA GLU B 302 9.63 21.46 7.08
C GLU B 302 9.00 21.49 8.47
N ASN B 303 8.82 20.29 9.05
CA ASN B 303 8.24 20.11 10.38
C ASN B 303 6.80 20.61 10.44
N ALA B 304 6.07 20.36 9.35
CA ALA B 304 4.63 20.49 9.26
C ALA B 304 3.98 19.11 9.36
N TRP B 305 2.69 19.11 9.67
CA TRP B 305 1.88 17.89 9.75
C TRP B 305 0.43 18.21 9.40
N ALA B 306 -0.31 17.16 9.03
CA ALA B 306 -1.75 17.24 8.94
C ALA B 306 -2.38 16.00 9.56
N ILE B 307 -3.57 16.19 10.11
CA ILE B 307 -4.44 15.13 10.56
C ILE B 307 -5.68 15.21 9.71
N LEU B 308 -5.96 14.13 8.97
CA LEU B 308 -7.10 14.02 8.08
C LEU B 308 -8.08 13.01 8.67
N ILE B 309 -9.32 13.42 8.83
CA ILE B 309 -10.31 12.61 9.53
C ILE B 309 -11.55 12.45 8.66
N ARG B 310 -11.96 11.20 8.48
CA ARG B 310 -13.24 10.88 7.89
C ARG B 310 -14.09 10.21 8.97
N TYR B 311 -15.19 10.86 9.32
CA TYR B 311 -16.15 10.31 10.26
C TYR B 311 -17.16 9.43 9.52
N HIS B 312 -17.74 8.48 10.27
CA HIS B 312 -18.85 7.69 9.74
C HIS B 312 -20.07 8.58 9.52
N SER B 313 -20.97 8.10 8.67
CA SER B 313 -22.24 8.79 8.41
C SER B 313 -23.33 8.24 9.33
#